data_6RP6
#
_entry.id   6RP6
#
_cell.length_a   81.970
_cell.length_b   112.020
_cell.length_c   62.790
_cell.angle_alpha   90.00
_cell.angle_beta   90.00
_cell.angle_gamma   90.00
#
_symmetry.space_group_name_H-M   'C 2 2 21'
#
loop_
_entity.id
_entity.type
_entity.pdbx_description
1 polymer '14-3-3 protein sigma'
2 polymer 'WW domain-containing transcription regulator protein 1'
3 non-polymer 4-phenyl-5-(piperidin-4-ylmethyl)thiophene-2-carboximidamide
4 non-polymer 'CALCIUM ION'
5 non-polymer 'SODIUM ION'
6 water water
#
loop_
_entity_poly.entity_id
_entity_poly.type
_entity_poly.pdbx_seq_one_letter_code
_entity_poly.pdbx_strand_id
1 'polypeptide(L)'
;GAMGSMERASLIQKAKLAEQAERYEDMAAFMKGAVEKGEELSCEERNLLSVAYKNVVGGQRAAWRVLSSIEQKSNEEGSE
EKGPEVREYREKVETELQGVCDTVLGLLDSHLIKEAGDAESRVFYLKMKGDYYRYLAEVATGDDKKRIIDSARSAYQEAM
DISKKEMPPTNPIRLGLALNFSVFHYEIANSPEEAISLAKTTFDEAMADLHTLSEDSYKDSTLIMQLLRDNLTLWT
;
A
2 'polypeptide(L)' RSH(SEP)SPASLQLGT P
#
# COMPACT_ATOMS: atom_id res chain seq x y z
N GLY A 1 -1.72 4.18 -25.03
CA GLY A 1 -1.53 5.05 -23.84
C GLY A 1 -0.98 6.38 -24.25
N ALA A 2 -1.37 7.44 -23.53
CA ALA A 2 -0.92 8.78 -23.88
C ALA A 2 0.58 8.93 -23.72
N MET A 3 1.24 8.01 -22.98
CA MET A 3 2.68 8.10 -22.76
C MET A 3 3.47 7.20 -23.69
N GLY A 4 2.79 6.55 -24.66
CA GLY A 4 3.44 5.61 -25.52
C GLY A 4 4.46 6.23 -26.44
N SER A 5 4.32 7.52 -26.75
CA SER A 5 5.28 8.19 -27.61
C SER A 5 6.48 8.77 -26.85
N MET A 6 6.50 8.70 -25.51
CA MET A 6 7.59 9.30 -24.76
C MET A 6 8.62 8.25 -24.34
N GLU A 7 9.90 8.64 -24.39
CA GLU A 7 10.99 7.73 -24.04
C GLU A 7 10.88 7.26 -22.59
N ARG A 8 11.24 5.99 -22.34
CA ARG A 8 11.25 5.50 -20.96
C ARG A 8 12.07 6.41 -20.03
N ALA A 9 13.28 6.79 -20.46
CA ALA A 9 14.14 7.57 -19.58
C ALA A 9 13.51 8.93 -19.28
N SER A 10 12.83 9.51 -20.28
CA SER A 10 12.14 10.78 -20.12
C SER A 10 10.96 10.67 -19.17
N LEU A 11 10.17 9.60 -19.29
CA LEU A 11 9.11 9.33 -18.31
C LEU A 11 9.67 9.23 -16.89
N ILE A 12 10.82 8.57 -16.72
CA ILE A 12 11.38 8.44 -15.37
C ILE A 12 11.84 9.79 -14.88
N GLN A 13 12.53 10.55 -15.74
CA GLN A 13 12.97 11.89 -15.38
C GLN A 13 11.80 12.79 -14.98
N LYS A 14 10.72 12.76 -15.77
CA LYS A 14 9.55 13.58 -15.48
C LYS A 14 8.82 13.11 -14.22
N ALA A 15 8.83 11.81 -13.91
CA ALA A 15 8.25 11.35 -12.65
C ALA A 15 9.00 11.96 -11.47
N LYS A 16 10.32 12.06 -11.58
CA LYS A 16 11.12 12.64 -10.51
C LYS A 16 10.82 14.12 -10.38
N LEU A 17 10.66 14.81 -11.50
CA LEU A 17 10.28 16.23 -11.45
C LEU A 17 8.90 16.44 -10.82
N ALA A 18 7.92 15.61 -11.21
CA ALA A 18 6.58 15.73 -10.66
C ALA A 18 6.59 15.48 -9.17
N GLU A 19 7.38 14.51 -8.70
CA GLU A 19 7.52 14.31 -7.26
C GLU A 19 8.00 15.60 -6.59
N GLN A 20 9.01 16.25 -7.17
CA GLN A 20 9.50 17.50 -6.59
C GLN A 20 8.44 18.58 -6.58
N ALA A 21 7.57 18.59 -7.57
CA ALA A 21 6.53 19.56 -7.69
C ALA A 21 5.27 19.16 -6.96
N GLU A 22 5.28 18.01 -6.29
CA GLU A 22 4.10 17.46 -5.59
C GLU A 22 2.93 17.30 -6.54
N ARG A 23 3.22 16.86 -7.76
CA ARG A 23 2.21 16.65 -8.79
C ARG A 23 2.06 15.14 -8.96
N TYR A 24 1.37 14.51 -8.00
CA TYR A 24 1.43 13.06 -7.91
C TYR A 24 0.55 12.38 -8.95
N GLU A 25 -0.54 12.98 -9.39
CA GLU A 25 -1.29 12.39 -10.51
C GLU A 25 -0.43 12.33 -11.75
N ASP A 26 0.31 13.39 -12.05
CA ASP A 26 1.26 13.37 -13.15
C ASP A 26 2.30 12.28 -12.95
N MET A 27 2.88 12.23 -11.75
CA MET A 27 3.91 11.25 -11.44
C MET A 27 3.43 9.84 -11.73
N ALA A 28 2.19 9.53 -11.32
CA ALA A 28 1.64 8.20 -11.54
C ALA A 28 1.43 7.90 -13.03
N ALA A 29 0.94 8.88 -13.78
CA ALA A 29 0.82 8.71 -15.22
C ALA A 29 2.17 8.45 -15.88
N PHE A 30 3.22 9.17 -15.46
CA PHE A 30 4.54 8.97 -16.02
C PHE A 30 5.06 7.56 -15.70
N MET A 31 4.91 7.11 -14.45
CA MET A 31 5.39 5.78 -14.08
C MET A 31 4.54 4.68 -14.68
N LYS A 32 3.24 4.90 -14.82
CA LYS A 32 2.44 3.94 -15.56
C LYS A 32 2.98 3.77 -16.98
N GLY A 33 3.24 4.89 -17.67
CA GLY A 33 3.86 4.82 -18.98
C GLY A 33 5.19 4.10 -18.98
N ALA A 34 6.03 4.35 -17.97
CA ALA A 34 7.30 3.64 -17.86
C ALA A 34 7.11 2.14 -17.72
N VAL A 35 6.20 1.73 -16.84
CA VAL A 35 5.90 0.31 -16.68
C VAL A 35 5.45 -0.30 -18.00
N GLU A 36 4.58 0.40 -18.74
CA GLU A 36 4.03 -0.13 -19.98
C GLU A 36 5.05 -0.22 -21.10
N LYS A 37 6.27 0.31 -20.91
CA LYS A 37 7.36 0.05 -21.85
C LYS A 37 7.76 -1.42 -21.86
N GLY A 38 7.45 -2.15 -20.80
CA GLY A 38 7.60 -3.58 -20.81
C GLY A 38 8.86 -4.10 -20.17
N GLU A 39 9.79 -3.22 -19.82
CA GLU A 39 10.99 -3.61 -19.08
C GLU A 39 10.73 -3.68 -17.58
N GLU A 40 11.50 -4.53 -16.91
CA GLU A 40 11.49 -4.59 -15.46
C GLU A 40 11.94 -3.25 -14.88
N LEU A 41 11.55 -2.98 -13.65
CA LEU A 41 11.88 -1.74 -12.97
C LEU A 41 13.04 -1.94 -12.03
N SER A 42 13.91 -0.95 -11.97
CA SER A 42 14.94 -0.93 -10.95
C SER A 42 14.35 -0.63 -9.57
N CYS A 43 15.20 -0.69 -8.55
CA CYS A 43 14.75 -0.44 -7.20
C CYS A 43 14.23 0.97 -7.11
N GLU A 44 14.99 1.91 -7.62
CA GLU A 44 14.59 3.30 -7.58
C GLU A 44 13.26 3.51 -8.33
N GLU A 45 13.13 2.86 -9.48
CA GLU A 45 11.91 3.02 -10.28
C GLU A 45 10.69 2.43 -9.58
N ARG A 46 10.86 1.29 -8.91
CA ARG A 46 9.79 0.69 -8.13
C ARG A 46 9.34 1.63 -7.02
N ASN A 47 10.29 2.33 -6.42
CA ASN A 47 9.94 3.26 -5.36
C ASN A 47 9.16 4.44 -5.91
N LEU A 48 9.55 4.93 -7.10
CA LEU A 48 8.84 6.05 -7.72
C LEU A 48 7.40 5.65 -8.04
N LEU A 49 7.20 4.44 -8.56
CA LEU A 49 5.87 3.92 -8.82
C LEU A 49 5.05 3.92 -7.54
N SER A 50 5.60 3.33 -6.48
CA SER A 50 4.91 3.27 -5.20
C SER A 50 4.60 4.66 -4.66
N VAL A 51 5.56 5.59 -4.71
CA VAL A 51 5.30 6.92 -4.17
C VAL A 51 4.13 7.58 -4.91
N ALA A 52 4.14 7.47 -6.23
CA ALA A 52 3.15 8.18 -7.02
C ALA A 52 1.74 7.69 -6.68
N TYR A 53 1.52 6.38 -6.80
CA TYR A 53 0.19 5.86 -6.57
C TYR A 53 -0.21 5.93 -5.10
N LYS A 54 0.74 5.85 -4.16
CA LYS A 54 0.34 5.92 -2.76
C LYS A 54 -0.16 7.30 -2.42
N ASN A 55 0.44 8.32 -3.00
CA ASN A 55 -0.03 9.67 -2.76
C ASN A 55 -1.37 9.92 -3.45
N VAL A 56 -1.54 9.42 -4.69
CA VAL A 56 -2.83 9.56 -5.36
C VAL A 56 -3.94 8.89 -4.54
N VAL A 57 -3.76 7.61 -4.20
CA VAL A 57 -4.83 6.90 -3.51
C VAL A 57 -4.99 7.43 -2.09
N GLY A 58 -3.91 7.97 -1.52
CA GLY A 58 -3.99 8.55 -0.19
C GLY A 58 -4.91 9.74 -0.12
N GLY A 59 -4.84 10.62 -1.11
CA GLY A 59 -5.81 11.71 -1.20
C GLY A 59 -7.25 11.22 -1.34
N GLN A 60 -7.47 10.19 -2.18
CA GLN A 60 -8.80 9.65 -2.37
C GLN A 60 -9.33 8.99 -1.10
N ARG A 61 -8.47 8.22 -0.41
CA ARG A 61 -8.88 7.60 0.84
C ARG A 61 -9.28 8.65 1.88
N ALA A 62 -8.47 9.71 2.02
CA ALA A 62 -8.79 10.75 2.99
C ALA A 62 -10.13 11.39 2.66
N ALA A 63 -10.37 11.67 1.37
CA ALA A 63 -11.65 12.26 0.94
C ALA A 63 -12.81 11.30 1.18
N TRP A 64 -12.62 10.03 0.83
CA TRP A 64 -13.67 9.03 1.04
C TRP A 64 -14.05 8.94 2.51
N ARG A 65 -13.07 9.05 3.41
N ARG A 65 -13.07 9.05 3.41
CA ARG A 65 -13.38 8.93 4.84
CA ARG A 65 -13.38 8.93 4.84
C ARG A 65 -14.15 10.15 5.33
C ARG A 65 -14.15 10.15 5.33
N VAL A 66 -13.78 11.34 4.90
CA VAL A 66 -14.56 12.54 5.22
C VAL A 66 -15.99 12.36 4.78
N LEU A 67 -16.18 11.94 3.52
CA LEU A 67 -17.52 11.82 2.95
C LEU A 67 -18.33 10.71 3.60
N SER A 68 -17.67 9.58 3.89
N SER A 68 -17.69 9.58 3.91
CA SER A 68 -18.36 8.45 4.53
CA SER A 68 -18.44 8.48 4.52
C SER A 68 -18.87 8.83 5.91
C SER A 68 -18.90 8.85 5.93
N SER A 69 -18.08 9.62 6.66
CA SER A 69 -18.50 10.10 7.97
C SER A 69 -19.74 10.99 7.87
N ILE A 70 -19.74 11.91 6.91
CA ILE A 70 -20.90 12.77 6.70
C ILE A 70 -22.10 11.93 6.34
N GLU A 71 -21.91 10.95 5.47
CA GLU A 71 -23.02 10.12 5.02
C GLU A 71 -23.64 9.36 6.20
N GLN A 72 -22.80 8.80 7.06
CA GLN A 72 -23.33 8.01 8.17
C GLN A 72 -24.01 8.89 9.21
N LYS A 73 -23.51 10.12 9.41
CA LYS A 73 -24.23 11.09 10.22
C LYS A 73 -25.62 11.36 9.67
N SER A 74 -25.73 11.55 8.36
CA SER A 74 -27.02 11.84 7.72
C SER A 74 -27.98 10.67 7.80
N ASN A 75 -27.52 9.49 8.22
CA ASN A 75 -28.36 8.34 8.47
C ASN A 75 -28.64 8.11 9.95
N GLU A 76 -28.13 8.97 10.83
CA GLU A 76 -28.38 8.81 12.26
C GLU A 76 -29.85 9.11 12.57
N GLU A 77 -30.26 8.72 13.78
CA GLU A 77 -31.58 9.11 14.28
C GLU A 77 -31.56 10.59 14.66
N GLY A 78 -32.51 11.34 14.11
CA GLY A 78 -32.61 12.77 14.38
C GLY A 78 -31.92 13.67 13.38
N SER A 79 -31.61 13.17 12.18
CA SER A 79 -30.90 13.92 11.16
C SER A 79 -31.87 14.28 10.03
N GLU A 80 -31.86 15.54 9.62
CA GLU A 80 -32.70 15.97 8.52
C GLU A 80 -32.35 15.19 7.26
N GLU A 81 -33.37 14.64 6.60
CA GLU A 81 -33.18 13.78 5.44
C GLU A 81 -32.85 14.64 4.22
N LYS A 82 -31.56 14.82 3.96
CA LYS A 82 -31.12 15.50 2.76
C LYS A 82 -31.46 14.60 1.55
N GLY A 83 -30.92 14.95 0.39
CA GLY A 83 -31.21 14.19 -0.80
C GLY A 83 -30.17 13.12 -1.06
N PRO A 84 -30.04 12.72 -2.33
CA PRO A 84 -29.06 11.68 -2.70
C PRO A 84 -27.63 12.19 -2.81
N GLU A 85 -27.37 13.47 -2.54
CA GLU A 85 -26.12 14.09 -2.94
C GLU A 85 -24.91 13.52 -2.20
N VAL A 86 -25.01 13.35 -0.89
CA VAL A 86 -23.85 12.89 -0.14
C VAL A 86 -23.45 11.50 -0.61
N ARG A 87 -24.43 10.59 -0.72
CA ARG A 87 -24.17 9.26 -1.24
C ARG A 87 -23.60 9.31 -2.65
N GLU A 88 -24.22 10.09 -3.53
CA GLU A 88 -23.72 10.21 -4.90
C GLU A 88 -22.26 10.60 -4.93
N TYR A 89 -21.90 11.61 -4.15
CA TYR A 89 -20.55 12.13 -4.24
C TYR A 89 -19.56 11.20 -3.54
N ARG A 90 -19.96 10.57 -2.45
CA ARG A 90 -19.12 9.52 -1.86
C ARG A 90 -18.90 8.38 -2.87
N GLU A 91 -19.95 8.03 -3.61
CA GLU A 91 -19.82 7.01 -4.64
C GLU A 91 -18.91 7.44 -5.76
N LYS A 92 -18.94 8.72 -6.13
CA LYS A 92 -18.04 9.24 -7.16
C LYS A 92 -16.58 9.07 -6.75
N VAL A 93 -16.24 9.51 -5.54
CA VAL A 93 -14.88 9.38 -5.02
C VAL A 93 -14.52 7.92 -4.89
N GLU A 94 -15.46 7.11 -4.40
CA GLU A 94 -15.22 5.69 -4.23
C GLU A 94 -14.91 5.02 -5.57
N THR A 95 -15.65 5.36 -6.62
CA THR A 95 -15.42 4.76 -7.92
C THR A 95 -14.07 5.18 -8.50
N GLU A 96 -13.64 6.43 -8.26
CA GLU A 96 -12.33 6.85 -8.75
C GLU A 96 -11.20 6.16 -8.00
N LEU A 97 -11.33 6.03 -6.67
CA LEU A 97 -10.40 5.23 -5.88
C LEU A 97 -10.29 3.80 -6.41
N GLN A 98 -11.42 3.13 -6.63
CA GLN A 98 -11.38 1.77 -7.14
C GLN A 98 -10.68 1.71 -8.48
N GLY A 99 -10.91 2.73 -9.33
CA GLY A 99 -10.22 2.76 -10.61
C GLY A 99 -8.73 2.82 -10.46
N VAL A 100 -8.24 3.64 -9.52
CA VAL A 100 -6.81 3.74 -9.29
C VAL A 100 -6.27 2.41 -8.78
N CYS A 101 -6.99 1.78 -7.86
CA CYS A 101 -6.53 0.49 -7.35
C CYS A 101 -6.51 -0.53 -8.47
N ASP A 102 -7.55 -0.56 -9.31
CA ASP A 102 -7.59 -1.52 -10.42
C ASP A 102 -6.44 -1.28 -11.38
N THR A 103 -6.08 -0.02 -11.61
CA THR A 103 -4.98 0.28 -12.50
C THR A 103 -3.66 -0.27 -11.97
N VAL A 104 -3.36 0.01 -10.71
CA VAL A 104 -2.15 -0.52 -10.06
C VAL A 104 -2.13 -2.04 -10.11
N LEU A 105 -3.24 -2.69 -9.73
CA LEU A 105 -3.30 -4.15 -9.78
C LEU A 105 -3.13 -4.68 -11.18
N GLY A 106 -3.60 -3.92 -12.17
CA GLY A 106 -3.39 -4.30 -13.55
C GLY A 106 -1.93 -4.27 -13.96
N LEU A 107 -1.20 -3.26 -13.51
CA LEU A 107 0.22 -3.18 -13.81
C LEU A 107 0.98 -4.31 -13.16
N LEU A 108 0.61 -4.66 -11.92
CA LEU A 108 1.32 -5.75 -11.25
C LEU A 108 1.05 -7.07 -11.95
N ASP A 109 -0.18 -7.26 -12.44
CA ASP A 109 -0.58 -8.51 -13.09
C ASP A 109 -0.14 -8.58 -14.54
N SER A 110 0.21 -7.44 -15.13
CA SER A 110 0.52 -7.33 -16.57
C SER A 110 1.67 -6.33 -16.76
N HIS A 111 2.92 -6.73 -16.47
CA HIS A 111 3.34 -8.09 -16.13
C HIS A 111 4.46 -8.02 -15.09
N LEU A 112 4.35 -7.06 -14.18
CA LEU A 112 5.43 -6.82 -13.22
C LEU A 112 5.72 -8.04 -12.35
N ILE A 113 4.69 -8.65 -11.77
CA ILE A 113 4.93 -9.73 -10.81
C ILE A 113 5.54 -10.95 -11.51
N LYS A 114 5.00 -11.31 -12.66
CA LYS A 114 5.47 -12.55 -13.27
C LYS A 114 6.92 -12.45 -13.75
N GLU A 115 7.42 -11.26 -14.03
N GLU A 115 7.40 -11.24 -14.04
CA GLU A 115 8.82 -11.15 -14.43
CA GLU A 115 8.79 -11.04 -14.45
C GLU A 115 9.75 -10.86 -13.26
C GLU A 115 9.74 -10.78 -13.28
N ALA A 116 9.23 -10.67 -12.06
CA ALA A 116 10.03 -10.39 -10.87
C ALA A 116 10.49 -11.69 -10.24
N GLY A 117 11.78 -11.99 -10.35
CA GLY A 117 12.33 -13.18 -9.75
C GLY A 117 13.21 -12.90 -8.56
N ASP A 118 13.79 -11.70 -8.45
CA ASP A 118 14.58 -11.42 -7.25
C ASP A 118 13.65 -11.17 -6.09
N ALA A 119 14.10 -11.53 -4.89
CA ALA A 119 13.26 -11.40 -3.72
C ALA A 119 12.86 -9.95 -3.46
N GLU A 120 13.80 -9.01 -3.65
CA GLU A 120 13.53 -7.61 -3.36
C GLU A 120 12.44 -7.07 -4.26
N SER A 121 12.43 -7.46 -5.52
CA SER A 121 11.39 -7.00 -6.41
C SER A 121 10.09 -7.78 -6.19
N ARG A 122 10.16 -9.12 -6.08
CA ARG A 122 8.93 -9.90 -6.02
C ARG A 122 8.16 -9.61 -4.73
N VAL A 123 8.88 -9.46 -3.62
CA VAL A 123 8.22 -9.10 -2.36
C VAL A 123 7.65 -7.69 -2.44
N PHE A 124 8.39 -6.75 -3.05
CA PHE A 124 7.88 -5.39 -3.16
C PHE A 124 6.56 -5.36 -3.92
N TYR A 125 6.46 -6.13 -5.02
CA TYR A 125 5.26 -6.08 -5.85
C TYR A 125 4.11 -6.81 -5.17
N LEU A 126 4.40 -7.94 -4.53
CA LEU A 126 3.35 -8.69 -3.85
C LEU A 126 2.80 -7.91 -2.65
N LYS A 127 3.66 -7.19 -1.92
CA LYS A 127 3.18 -6.26 -0.89
C LYS A 127 2.28 -5.20 -1.51
N MET A 128 2.71 -4.62 -2.62
CA MET A 128 1.88 -3.65 -3.32
C MET A 128 0.52 -4.26 -3.66
N LYS A 129 0.50 -5.49 -4.15
CA LYS A 129 -0.75 -6.15 -4.50
C LYS A 129 -1.65 -6.25 -3.26
N GLY A 130 -1.09 -6.69 -2.14
CA GLY A 130 -1.84 -6.74 -0.90
C GLY A 130 -2.38 -5.38 -0.50
N ASP A 131 -1.54 -4.34 -0.62
CA ASP A 131 -1.92 -3.00 -0.19
C ASP A 131 -3.13 -2.50 -0.99
N TYR A 132 -3.08 -2.66 -2.31
CA TYR A 132 -4.14 -2.09 -3.12
C TYR A 132 -5.42 -2.92 -3.03
N TYR A 133 -5.35 -4.23 -2.81
CA TYR A 133 -6.56 -4.96 -2.42
C TYR A 133 -7.05 -4.52 -1.04
N ARG A 134 -6.14 -4.17 -0.12
CA ARG A 134 -6.58 -3.64 1.17
C ARG A 134 -7.31 -2.31 1.03
N TYR A 135 -6.83 -1.43 0.15
CA TYR A 135 -7.57 -0.18 -0.08
C TYR A 135 -8.93 -0.44 -0.68
N LEU A 136 -9.02 -1.40 -1.61
CA LEU A 136 -10.33 -1.80 -2.12
C LEU A 136 -11.20 -2.33 -0.98
N ALA A 137 -10.61 -3.12 -0.09
CA ALA A 137 -11.37 -3.67 1.03
C ALA A 137 -11.91 -2.58 1.94
N GLU A 138 -11.19 -1.47 2.09
CA GLU A 138 -11.64 -0.44 3.02
C GLU A 138 -13.01 0.11 2.63
N VAL A 139 -13.34 0.09 1.33
CA VAL A 139 -14.57 0.66 0.82
C VAL A 139 -15.55 -0.41 0.37
N ALA A 140 -15.20 -1.67 0.54
CA ALA A 140 -16.02 -2.78 0.08
C ALA A 140 -17.09 -3.07 1.12
N THR A 141 -18.25 -3.51 0.66
CA THR A 141 -19.41 -3.59 1.53
C THR A 141 -19.82 -4.99 1.93
N GLY A 142 -19.55 -6.02 1.13
CA GLY A 142 -20.03 -7.34 1.51
C GLY A 142 -20.20 -8.32 0.37
N ASP A 143 -20.61 -7.82 -0.80
CA ASP A 143 -20.89 -8.72 -1.92
C ASP A 143 -19.64 -9.50 -2.34
N ASP A 144 -18.58 -8.78 -2.71
CA ASP A 144 -17.27 -9.38 -2.94
C ASP A 144 -16.24 -8.86 -1.94
N LYS A 145 -16.71 -8.27 -0.84
CA LYS A 145 -15.82 -7.82 0.23
C LYS A 145 -14.99 -8.97 0.77
N LYS A 146 -15.61 -10.15 0.91
CA LYS A 146 -14.88 -11.32 1.42
C LYS A 146 -13.78 -11.74 0.46
N ARG A 147 -14.06 -11.74 -0.84
CA ARG A 147 -13.08 -12.19 -1.81
C ARG A 147 -11.99 -11.15 -1.99
N ILE A 148 -12.32 -9.86 -1.86
CA ILE A 148 -11.29 -8.83 -1.86
C ILE A 148 -10.35 -9.04 -0.69
N ILE A 149 -10.90 -9.31 0.48
CA ILE A 149 -10.09 -9.48 1.68
C ILE A 149 -9.18 -10.69 1.51
N ASP A 150 -9.75 -11.80 1.01
N ASP A 150 -9.73 -11.78 0.98
CA ASP A 150 -8.96 -12.98 0.72
CA ASP A 150 -8.88 -12.96 0.81
C ASP A 150 -7.82 -12.68 -0.25
C ASP A 150 -7.84 -12.74 -0.29
N SER A 151 -8.11 -11.86 -1.25
CA SER A 151 -7.11 -11.51 -2.25
C SER A 151 -5.96 -10.72 -1.63
N ALA A 152 -6.27 -9.78 -0.74
CA ALA A 152 -5.23 -9.08 0.00
C ALA A 152 -4.42 -10.07 0.85
N ARG A 153 -5.10 -10.88 1.65
N ARG A 153 -5.11 -10.90 1.63
CA ARG A 153 -4.44 -11.85 2.50
CA ARG A 153 -4.43 -11.85 2.50
C ARG A 153 -3.49 -12.74 1.70
C ARG A 153 -3.49 -12.76 1.72
N SER A 154 -3.97 -13.30 0.59
CA SER A 154 -3.16 -14.19 -0.24
C SER A 154 -1.88 -13.51 -0.72
N ALA A 155 -1.99 -12.29 -1.23
CA ALA A 155 -0.82 -11.58 -1.72
C ALA A 155 0.16 -11.29 -0.59
N TYR A 156 -0.33 -10.81 0.55
CA TYR A 156 0.56 -10.55 1.68
C TYR A 156 1.22 -11.84 2.14
N GLN A 157 0.46 -12.94 2.19
CA GLN A 157 1.01 -14.20 2.70
C GLN A 157 2.13 -14.72 1.82
N GLU A 158 1.96 -14.64 0.49
CA GLU A 158 3.01 -15.07 -0.43
C GLU A 158 4.26 -14.21 -0.24
N ALA A 159 4.06 -12.91 -0.08
CA ALA A 159 5.17 -12.00 0.14
C ALA A 159 5.86 -12.31 1.45
N MET A 160 5.08 -12.59 2.50
CA MET A 160 5.70 -12.94 3.78
C MET A 160 6.56 -14.19 3.66
N ASP A 161 6.04 -15.23 3.00
CA ASP A 161 6.78 -16.47 2.91
C ASP A 161 8.14 -16.25 2.23
N ILE A 162 8.15 -15.52 1.11
CA ILE A 162 9.41 -15.23 0.41
C ILE A 162 10.33 -14.40 1.31
N SER A 163 9.79 -13.34 1.93
CA SER A 163 10.63 -12.43 2.68
C SER A 163 11.30 -13.13 3.87
N LYS A 164 10.59 -14.08 4.49
CA LYS A 164 11.19 -14.79 5.61
C LYS A 164 12.28 -15.74 5.15
N LYS A 165 12.13 -16.34 3.98
CA LYS A 165 13.16 -17.22 3.43
C LYS A 165 14.34 -16.46 2.86
N GLU A 166 14.11 -15.28 2.29
CA GLU A 166 15.10 -14.69 1.42
C GLU A 166 15.72 -13.39 1.91
N MET A 167 15.13 -12.73 2.90
CA MET A 167 15.58 -11.43 3.37
C MET A 167 15.86 -11.49 4.87
N PRO A 168 16.79 -10.68 5.36
CA PRO A 168 17.02 -10.65 6.80
C PRO A 168 15.92 -9.90 7.53
N PRO A 169 15.78 -10.10 8.84
CA PRO A 169 14.65 -9.52 9.57
C PRO A 169 14.62 -8.02 9.58
N THR A 170 15.74 -7.36 9.29
CA THR A 170 15.79 -5.91 9.30
C THR A 170 15.54 -5.31 7.92
N ASN A 171 15.41 -6.14 6.91
CA ASN A 171 15.26 -5.62 5.55
C ASN A 171 14.04 -4.69 5.50
N PRO A 172 14.19 -3.44 5.04
CA PRO A 172 13.06 -2.50 5.07
C PRO A 172 11.83 -2.94 4.29
N ILE A 173 11.99 -3.70 3.19
CA ILE A 173 10.84 -4.20 2.46
C ILE A 173 10.12 -5.25 3.29
N ARG A 174 10.88 -6.20 3.85
CA ARG A 174 10.31 -7.16 4.79
C ARG A 174 9.58 -6.48 5.96
N LEU A 175 10.19 -5.44 6.53
CA LEU A 175 9.58 -4.73 7.67
C LEU A 175 8.30 -4.02 7.26
N GLY A 176 8.31 -3.34 6.12
CA GLY A 176 7.11 -2.63 5.69
C GLY A 176 5.99 -3.57 5.30
N LEU A 177 6.34 -4.71 4.72
CA LEU A 177 5.36 -5.77 4.45
C LEU A 177 4.69 -6.24 5.73
N ALA A 178 5.49 -6.56 6.75
CA ALA A 178 4.90 -7.07 7.99
C ALA A 178 4.08 -5.99 8.67
N LEU A 179 4.56 -4.75 8.66
CA LEU A 179 3.77 -3.63 9.17
C LEU A 179 2.40 -3.59 8.51
N ASN A 180 2.39 -3.61 7.18
CA ASN A 180 1.12 -3.47 6.46
C ASN A 180 0.23 -4.70 6.61
N PHE A 181 0.83 -5.90 6.66
CA PHE A 181 0.02 -7.10 6.92
C PHE A 181 -0.62 -7.01 8.30
N SER A 182 0.10 -6.44 9.26
CA SER A 182 -0.44 -6.31 10.61
C SER A 182 -1.60 -5.32 10.63
N VAL A 183 -1.51 -4.22 9.87
CA VAL A 183 -2.63 -3.28 9.70
C VAL A 183 -3.82 -3.98 9.04
N PHE A 184 -3.55 -4.80 8.02
CA PHE A 184 -4.60 -5.63 7.42
C PHE A 184 -5.32 -6.44 8.50
N HIS A 185 -4.55 -7.15 9.33
CA HIS A 185 -5.16 -7.98 10.35
C HIS A 185 -6.02 -7.15 11.28
N TYR A 186 -5.51 -5.96 11.67
CA TYR A 186 -6.20 -5.17 12.67
C TYR A 186 -7.41 -4.44 12.10
N GLU A 187 -7.25 -3.82 10.94
CA GLU A 187 -8.27 -2.90 10.42
C GLU A 187 -9.24 -3.57 9.45
N ILE A 188 -8.83 -4.61 8.76
CA ILE A 188 -9.62 -5.21 7.70
C ILE A 188 -10.18 -6.56 8.13
N ALA A 189 -9.33 -7.42 8.68
CA ALA A 189 -9.70 -8.82 8.89
C ALA A 189 -10.24 -9.08 10.29
N ASN A 190 -10.42 -8.05 11.11
CA ASN A 190 -10.97 -8.19 12.46
C ASN A 190 -10.18 -9.21 13.26
N SER A 191 -8.86 -9.15 13.15
CA SER A 191 -7.94 -10.07 13.83
C SER A 191 -6.91 -9.27 14.61
N PRO A 192 -7.33 -8.53 15.62
CA PRO A 192 -6.35 -7.70 16.35
C PRO A 192 -5.26 -8.51 17.03
N GLU A 193 -5.56 -9.72 17.49
CA GLU A 193 -4.52 -10.52 18.15
C GLU A 193 -3.44 -10.93 17.16
N GLU A 194 -3.83 -11.34 15.96
CA GLU A 194 -2.85 -11.66 14.93
C GLU A 194 -2.00 -10.42 14.57
N ALA A 195 -2.65 -9.26 14.47
CA ALA A 195 -1.95 -8.02 14.21
C ALA A 195 -0.90 -7.73 15.28
N ILE A 196 -1.29 -7.83 16.55
CA ILE A 196 -0.39 -7.54 17.65
C ILE A 196 0.76 -8.54 17.69
N SER A 197 0.44 -9.84 17.52
N SER A 197 0.45 -9.82 17.49
CA SER A 197 1.48 -10.86 17.51
CA SER A 197 1.48 -10.86 17.51
C SER A 197 2.49 -10.62 16.40
C SER A 197 2.48 -10.66 16.38
N LEU A 198 1.99 -10.38 15.18
CA LEU A 198 2.90 -10.17 14.07
C LEU A 198 3.77 -8.95 14.31
N ALA A 199 3.20 -7.88 14.84
CA ALA A 199 3.97 -6.65 15.03
C ALA A 199 5.07 -6.86 16.05
N LYS A 200 4.73 -7.51 17.17
N LYS A 200 4.76 -7.58 17.13
CA LYS A 200 5.71 -7.84 18.20
CA LYS A 200 5.74 -7.79 18.19
C LYS A 200 6.82 -8.70 17.64
C LYS A 200 6.83 -8.77 17.76
N THR A 201 6.47 -9.85 17.06
CA THR A 201 7.49 -10.78 16.59
C THR A 201 8.41 -10.11 15.56
N THR A 202 7.82 -9.36 14.64
CA THR A 202 8.60 -8.62 13.65
C THR A 202 9.59 -7.67 14.31
N PHE A 203 9.09 -6.89 15.26
CA PHE A 203 9.92 -5.91 15.94
C PHE A 203 11.09 -6.57 16.65
N ASP A 204 10.79 -7.61 17.42
CA ASP A 204 11.81 -8.29 18.22
C ASP A 204 12.83 -8.99 17.33
N GLU A 205 12.41 -9.57 16.20
CA GLU A 205 13.42 -10.22 15.36
C GLU A 205 14.27 -9.20 14.61
N ALA A 206 13.71 -8.05 14.29
CA ALA A 206 14.55 -7.00 13.73
C ALA A 206 15.53 -6.44 14.77
N MET A 207 15.06 -6.23 15.99
CA MET A 207 15.91 -5.69 17.05
C MET A 207 17.17 -6.53 17.20
N ALA A 208 17.01 -7.85 17.19
CA ALA A 208 18.12 -8.78 17.38
C ALA A 208 19.04 -8.85 16.18
N ASP A 209 18.69 -8.23 15.05
CA ASP A 209 19.50 -8.24 13.84
C ASP A 209 20.11 -6.87 13.54
N LEU A 210 19.78 -5.83 14.31
CA LEU A 210 20.32 -4.51 14.03
C LEU A 210 21.84 -4.48 14.12
N HIS A 211 22.43 -5.36 14.91
CA HIS A 211 23.87 -5.27 15.15
C HIS A 211 24.68 -5.54 13.89
N THR A 212 24.07 -6.16 12.88
CA THR A 212 24.75 -6.48 11.64
C THR A 212 24.82 -5.32 10.66
N LEU A 213 24.15 -4.20 10.96
CA LEU A 213 23.86 -3.14 10.01
C LEU A 213 24.83 -1.97 10.11
N SER A 214 25.08 -1.34 8.96
CA SER A 214 25.72 -0.04 8.91
C SER A 214 24.81 1.03 9.53
N GLU A 215 25.41 2.20 9.80
CA GLU A 215 24.66 3.31 10.36
C GLU A 215 23.52 3.73 9.44
N ASP A 216 23.75 3.71 8.13
CA ASP A 216 22.70 4.12 7.20
C ASP A 216 21.58 3.08 7.13
N SER A 217 21.93 1.79 7.07
CA SER A 217 20.90 0.74 7.06
C SER A 217 20.17 0.70 8.40
N TYR A 218 20.88 0.97 9.48
CA TYR A 218 20.31 1.04 10.85
C TYR A 218 19.19 2.08 10.86
N LYS A 219 19.43 3.27 10.30
CA LYS A 219 18.42 4.31 10.29
C LYS A 219 17.17 3.88 9.52
N ASP A 220 17.36 3.23 8.38
CA ASP A 220 16.20 2.82 7.58
C ASP A 220 15.35 1.82 8.34
N SER A 221 16.00 0.80 8.94
CA SER A 221 15.28 -0.26 9.65
C SER A 221 14.57 0.28 10.88
N THR A 222 15.24 1.10 11.69
CA THR A 222 14.63 1.54 12.94
C THR A 222 13.47 2.50 12.68
N LEU A 223 13.53 3.23 11.57
CA LEU A 223 12.38 4.03 11.16
C LEU A 223 11.11 3.20 11.05
N ILE A 224 11.18 2.06 10.37
N ILE A 224 11.18 2.07 10.33
CA ILE A 224 9.96 1.27 10.20
CA ILE A 224 10.00 1.22 10.17
C ILE A 224 9.64 0.50 11.47
C ILE A 224 9.64 0.56 11.49
N MET A 225 10.66 0.12 12.25
CA MET A 225 10.40 -0.51 13.53
C MET A 225 9.59 0.41 14.43
N GLN A 226 9.86 1.71 14.36
CA GLN A 226 9.14 2.66 15.20
C GLN A 226 7.66 2.70 14.84
N LEU A 227 7.33 2.56 13.56
CA LEU A 227 5.92 2.45 13.17
C LEU A 227 5.27 1.22 13.79
N LEU A 228 5.97 0.08 13.81
CA LEU A 228 5.47 -1.10 14.50
C LEU A 228 5.22 -0.79 15.97
N ARG A 229 6.20 -0.17 16.64
CA ARG A 229 6.00 0.24 18.04
C ARG A 229 4.81 1.17 18.20
N ASP A 230 4.70 2.16 17.31
CA ASP A 230 3.58 3.11 17.40
C ASP A 230 2.23 2.38 17.33
N ASN A 231 2.11 1.40 16.43
CA ASN A 231 0.86 0.64 16.34
C ASN A 231 0.63 -0.20 17.59
N LEU A 232 1.65 -0.90 18.07
CA LEU A 232 1.49 -1.66 19.31
C LEU A 232 0.95 -0.78 20.44
N THR A 233 1.47 0.46 20.55
CA THR A 233 1.02 1.40 21.58
C THR A 233 -0.43 1.79 21.38
N LEU A 234 -0.83 2.04 20.12
CA LEU A 234 -2.23 2.30 19.81
C LEU A 234 -3.10 1.07 20.13
N TRP A 235 -2.59 -0.14 19.89
CA TRP A 235 -3.45 -1.33 19.91
C TRP A 235 -3.50 -2.02 21.26
N THR A 236 -2.66 -1.62 22.20
CA THR A 236 -2.56 -2.28 23.50
C THR A 236 -2.57 -1.23 24.62
N ARG B 1 -6.57 4.52 11.90
CA ARG B 1 -5.71 5.18 12.88
C ARG B 1 -4.33 4.50 12.89
N SER B 2 -4.25 3.28 12.37
CA SER B 2 -2.98 2.59 12.37
C SER B 2 -2.04 3.17 11.31
N HIS B 3 -0.75 3.14 11.63
CA HIS B 3 0.27 3.59 10.73
C HIS B 3 0.61 2.49 9.74
N SER B 5 3.07 1.56 6.10
CA SER B 5 4.41 1.79 5.65
C SER B 5 4.49 3.02 4.74
N PRO B 6 5.57 3.78 4.83
CA PRO B 6 5.84 4.80 3.80
C PRO B 6 5.97 4.17 2.43
N ALA B 7 5.76 4.99 1.39
CA ALA B 7 5.79 4.48 0.02
C ALA B 7 7.17 3.93 -0.38
N SER B 8 8.25 4.53 0.13
CA SER B 8 9.59 4.25 -0.38
C SER B 8 10.39 3.40 0.61
N LEU B 9 10.98 2.30 0.11
CA LEU B 9 11.62 1.29 0.96
C LEU B 9 12.87 0.72 0.29
N GLN B 10 13.96 0.62 1.06
CA GLN B 10 15.22 -0.05 0.65
C GLN B 10 15.46 -0.05 -0.86
#